data_6SM8
#
_entry.id   6SM8
#
_cell.length_a   43.194
_cell.length_b   174.065
_cell.length_c   44.956
_cell.angle_alpha   90.000
_cell.angle_beta   94.160
_cell.angle_gamma   90.000
#
_symmetry.space_group_name_H-M   'P 1 21 1'
#
loop_
_entity.id
_entity.type
_entity.pdbx_description
1 polymer 'Tyrosine-protein kinase JAK1'
2 polymer 'Tyrosine-protein kinase JAK1'
3 non-polymer 2-chloranyl-6-[(3~{S})-3-[(1~{S})-2-cyano-1-[4-(7~{H}-pyrrolo[2,3-d]pyrimidin-4-yl)pyrazol-1-yl]ethyl]pyrrolidin-1-yl]benzenecarbonitrile
4 non-polymer 1,2-ETHANEDIOL
5 water water
#
loop_
_entity_poly.entity_id
_entity_poly.type
_entity_poly.pdbx_seq_one_letter_code
_entity_poly.pdbx_strand_id
1 'polypeptide(L)'
;GDIVSEKKPATEVDPTHFEKRFLKRIRDLGEGHFGKVELCRYDPEGDNTGEQVAVKSLKPESGGNHIADLKKEIEILRNL
YHENIVKYKGICTEDGGNGIKLIMEFLPSGSLKEYLPKNKNKINLKQQLKYAVQICKGMDYLGSRQYVHRDLAARNVLVE
SEHQVKIGDFGLTKAIETDKE(PTR)(PTR)TVKDDRDSPVFWYAPECLMQSKFYIASDVWSFGVTLHELLTYCDSDSSP
MALFLKMIGPTHGQMTVTRLVNTLKEGKRLPCPPNCPDEVYQLMRKCWEFQPSNRTSFQNLIEGFEALLK
;
A
2 'polypeptide(L)'
;DIVSEKKPATEVDPTHFEKRFLKRIRDLGEGHFGKVELCRYDPEGDNTGEQVAVKSLKPESGGNHIADLKKEIEILRNLY
HENIVKYKGICTEDGGNGIKLIMEFLPSGSLKEYLPKNKNKINLKQQLKYAVQICKGMDYLGSRQYVHRDLAARNVLVES
EHQVKIGDFGLTKAIETDKE(PTR)(PTR)TVKDDRDSPVFWYAPECLMQSKFYIASDVWSFGVTLHELLTYCDSDSSPM
ALFLKMIGPTHGQMTVTRLVNTLKEGKRLPCPPNCPDEVYQLMRKCWEFQPSNRTSFQNLIEGFEALLK
;
B
#
# COMPACT_ATOMS: atom_id res chain seq x y z
N GLY A 1 -22.44 -43.62 55.77
CA GLY A 1 -21.10 -44.00 56.19
C GLY A 1 -20.03 -42.98 55.84
N ASP A 2 -18.83 -43.47 55.47
CA ASP A 2 -17.66 -42.67 55.09
C ASP A 2 -17.94 -41.82 53.85
N ILE A 3 -17.24 -40.68 53.72
CA ILE A 3 -17.37 -39.78 52.57
C ILE A 3 -16.86 -40.52 51.33
N VAL A 4 -17.67 -40.53 50.27
CA VAL A 4 -17.26 -41.15 49.01
C VAL A 4 -16.41 -40.17 48.20
N SER A 5 -15.33 -40.69 47.61
CA SER A 5 -14.39 -39.92 46.79
C SER A 5 -14.17 -40.68 45.48
N GLU A 6 -13.23 -40.24 44.62
CA GLU A 6 -12.98 -40.88 43.34
C GLU A 6 -11.72 -41.71 43.36
N LYS A 7 -11.80 -42.94 42.79
CA LYS A 7 -10.66 -43.83 42.61
C LYS A 7 -9.72 -43.09 41.66
N LYS A 8 -8.47 -42.84 42.12
CA LYS A 8 -7.47 -42.13 41.33
C LYS A 8 -6.92 -42.98 40.16
N PRO A 9 -7.25 -42.63 38.88
CA PRO A 9 -6.69 -43.41 37.76
C PRO A 9 -5.21 -43.07 37.52
N ALA A 10 -4.44 -44.04 36.98
CA ALA A 10 -3.00 -43.88 36.71
C ALA A 10 -2.74 -42.70 35.76
N THR A 11 -1.94 -41.73 36.22
CA THR A 11 -1.59 -40.51 35.49
C THR A 11 -0.29 -40.68 34.67
N GLU A 12 -0.44 -40.93 33.36
CA GLU A 12 0.69 -41.10 32.43
C GLU A 12 1.19 -39.70 32.03
N VAL A 13 2.52 -39.51 31.98
CA VAL A 13 3.11 -38.22 31.64
C VAL A 13 3.23 -38.06 30.12
N ASP A 14 2.82 -36.89 29.60
CA ASP A 14 2.94 -36.58 28.18
C ASP A 14 4.22 -35.73 27.98
N PRO A 15 5.22 -36.27 27.24
CA PRO A 15 6.47 -35.52 27.01
C PRO A 15 6.32 -34.28 26.12
N THR A 16 5.17 -34.15 25.44
CA THR A 16 4.88 -33.00 24.59
C THR A 16 4.05 -31.96 25.36
N HIS A 17 3.74 -32.23 26.64
N HIS A 17 3.73 -32.23 26.64
CA HIS A 17 3.02 -31.29 27.48
CA HIS A 17 2.97 -31.33 27.50
C HIS A 17 4.02 -30.61 28.39
C HIS A 17 3.91 -30.60 28.46
N PHE A 18 4.12 -29.29 28.24
CA PHE A 18 5.02 -28.43 29.01
C PHE A 18 4.17 -27.62 29.98
N GLU A 19 4.39 -27.83 31.30
CA GLU A 19 3.62 -27.13 32.35
C GLU A 19 4.06 -25.66 32.41
N LYS A 20 3.11 -24.71 32.41
CA LYS A 20 3.42 -23.27 32.47
C LYS A 20 4.38 -22.91 33.65
N ARG A 21 4.12 -23.50 34.85
CA ARG A 21 4.87 -23.23 36.08
C ARG A 21 6.39 -23.51 35.99
N PHE A 22 6.81 -24.36 35.03
CA PHE A 22 8.21 -24.72 34.84
C PHE A 22 8.85 -24.06 33.62
N LEU A 23 8.03 -23.40 32.80
CA LEU A 23 8.50 -22.79 31.56
C LEU A 23 8.95 -21.36 31.87
N LYS A 24 10.27 -21.21 32.08
CA LYS A 24 10.86 -19.95 32.53
C LYS A 24 11.48 -19.10 31.41
N ARG A 25 10.95 -17.88 31.23
CA ARG A 25 11.39 -16.95 30.19
C ARG A 25 12.81 -16.41 30.42
N ILE A 26 13.68 -16.51 29.38
CA ILE A 26 15.05 -15.97 29.39
C ILE A 26 15.11 -14.64 28.62
N ARG A 27 14.71 -14.63 27.33
CA ARG A 27 14.75 -13.43 26.48
C ARG A 27 13.92 -13.56 25.20
N ASP A 28 13.68 -12.43 24.52
CA ASP A 28 12.99 -12.46 23.22
C ASP A 28 13.96 -12.99 22.14
N LEU A 29 13.47 -13.80 21.19
CA LEU A 29 14.30 -14.33 20.10
C LEU A 29 13.94 -13.63 18.79
N GLY A 30 12.65 -13.41 18.60
CA GLY A 30 12.13 -12.75 17.41
C GLY A 30 10.63 -12.65 17.44
N GLU A 31 10.08 -12.05 16.40
CA GLU A 31 8.64 -11.86 16.26
C GLU A 31 8.28 -11.68 14.80
N GLY A 32 7.01 -11.85 14.51
CA GLY A 32 6.50 -11.65 13.17
C GLY A 32 5.00 -11.67 13.20
N HIS A 33 4.40 -10.70 12.52
CA HIS A 33 2.94 -10.59 12.40
C HIS A 33 2.25 -10.59 13.79
N PHE A 34 1.44 -11.61 14.08
CA PHE A 34 0.66 -11.74 15.31
C PHE A 34 1.34 -12.54 16.43
N GLY A 35 2.56 -13.02 16.19
CA GLY A 35 3.26 -13.83 17.18
C GLY A 35 4.64 -13.39 17.56
N LYS A 36 5.14 -13.97 18.67
CA LYS A 36 6.49 -13.72 19.18
C LYS A 36 7.10 -15.02 19.67
N VAL A 37 8.40 -15.14 19.53
CA VAL A 37 9.15 -16.31 19.96
C VAL A 37 10.14 -15.91 21.05
N GLU A 38 10.14 -16.68 22.16
CA GLU A 38 11.01 -16.43 23.31
C GLU A 38 11.89 -17.61 23.65
N LEU A 39 13.13 -17.33 24.10
CA LEU A 39 14.00 -18.36 24.64
C LEU A 39 13.51 -18.59 26.08
N CYS A 40 13.26 -19.85 26.43
CA CYS A 40 12.83 -20.25 27.76
C CYS A 40 13.66 -21.42 28.20
N ARG A 41 13.68 -21.65 29.51
CA ARG A 41 14.26 -22.88 30.01
C ARG A 41 13.08 -23.65 30.62
N TYR A 42 12.88 -24.92 30.21
CA TYR A 42 11.83 -25.71 30.83
C TYR A 42 12.52 -26.36 32.02
N ASP A 43 12.30 -25.84 33.22
CA ASP A 43 13.06 -26.23 34.41
C ASP A 43 12.23 -26.90 35.53
N PRO A 44 11.69 -28.13 35.33
CA PRO A 44 10.92 -28.80 36.41
C PRO A 44 11.69 -29.06 37.70
N GLU A 45 13.03 -29.21 37.60
CA GLU A 45 13.87 -29.45 38.78
C GLU A 45 14.19 -28.15 39.53
N GLY A 46 13.90 -27.00 38.91
CA GLY A 46 14.11 -25.68 39.49
C GLY A 46 15.54 -25.32 39.86
N ASP A 47 16.54 -25.88 39.16
CA ASP A 47 17.96 -25.62 39.45
C ASP A 47 18.75 -25.09 38.24
N ASN A 48 18.04 -24.60 37.21
CA ASN A 48 18.63 -24.03 35.99
C ASN A 48 19.35 -25.11 35.13
N THR A 49 18.95 -26.40 35.25
CA THR A 49 19.58 -27.46 34.44
C THR A 49 18.66 -27.94 33.32
N GLY A 50 17.41 -27.47 33.33
CA GLY A 50 16.41 -27.84 32.33
C GLY A 50 16.80 -27.51 30.91
N GLU A 51 16.13 -28.12 29.94
CA GLU A 51 16.39 -27.90 28.51
C GLU A 51 15.94 -26.48 28.08
N GLN A 52 16.76 -25.80 27.23
CA GLN A 52 16.40 -24.51 26.62
C GLN A 52 15.49 -24.84 25.44
N VAL A 53 14.41 -24.07 25.27
CA VAL A 53 13.40 -24.24 24.22
C VAL A 53 13.00 -22.88 23.61
N ALA A 54 12.47 -22.88 22.37
CA ALA A 54 11.95 -21.67 21.75
C ALA A 54 10.43 -21.77 21.86
N VAL A 55 9.81 -20.73 22.43
CA VAL A 55 8.37 -20.72 22.72
C VAL A 55 7.65 -19.66 21.91
N LYS A 56 6.70 -20.07 21.06
CA LYS A 56 5.90 -19.14 20.30
C LYS A 56 4.60 -18.88 21.04
N SER A 57 4.28 -17.59 21.26
CA SER A 57 3.05 -17.12 21.90
C SER A 57 2.46 -16.05 21.02
N LEU A 58 1.14 -15.85 21.14
CA LEU A 58 0.50 -14.76 20.40
C LEU A 58 0.89 -13.45 21.06
N LYS A 59 1.04 -12.38 20.26
CA LYS A 59 1.28 -11.06 20.81
C LYS A 59 -0.12 -10.61 21.30
N PRO A 60 -0.25 -9.97 22.48
CA PRO A 60 -1.58 -9.48 22.90
C PRO A 60 -2.13 -8.48 21.87
N GLU A 61 -3.37 -8.74 21.38
CA GLU A 61 -4.07 -7.93 20.37
C GLU A 61 -5.53 -8.37 20.30
N ASN A 65 -8.88 -13.58 18.61
CA ASN A 65 -8.24 -13.40 17.31
C ASN A 65 -6.82 -13.96 17.28
N HIS A 66 -6.52 -14.74 16.23
CA HIS A 66 -5.28 -15.44 15.85
C HIS A 66 -4.99 -16.74 16.64
N ILE A 67 -5.79 -17.08 17.69
CA ILE A 67 -5.66 -18.32 18.46
C ILE A 67 -5.79 -19.50 17.50
N ALA A 68 -6.83 -19.45 16.61
CA ALA A 68 -7.11 -20.48 15.61
C ALA A 68 -5.92 -20.66 14.66
N ASP A 69 -5.27 -19.53 14.24
CA ASP A 69 -4.08 -19.60 13.38
C ASP A 69 -2.90 -20.26 14.08
N LEU A 70 -2.66 -19.93 15.37
CA LEU A 70 -1.55 -20.54 16.09
C LEU A 70 -1.79 -22.06 16.29
N LYS A 71 -3.05 -22.44 16.59
CA LYS A 71 -3.43 -23.86 16.74
C LYS A 71 -3.21 -24.60 15.42
N LYS A 72 -3.57 -23.99 14.26
CA LYS A 72 -3.37 -24.60 12.94
C LYS A 72 -1.88 -24.77 12.65
N GLU A 73 -1.06 -23.79 13.03
CA GLU A 73 0.39 -23.84 12.85
C GLU A 73 1.00 -24.99 13.68
N ILE A 74 0.51 -25.17 14.93
CA ILE A 74 0.96 -26.23 15.84
C ILE A 74 0.68 -27.59 15.19
N GLU A 75 -0.53 -27.76 14.66
CA GLU A 75 -0.93 -29.01 14.02
C GLU A 75 -0.13 -29.29 12.75
N ILE A 76 0.27 -28.25 12.00
CA ILE A 76 1.09 -28.41 10.80
C ILE A 76 2.48 -28.86 11.25
N LEU A 77 3.13 -28.08 12.15
CA LEU A 77 4.50 -28.36 12.58
C LEU A 77 4.66 -29.73 13.28
N ARG A 78 3.69 -30.09 14.14
CA ARG A 78 3.63 -31.36 14.90
C ARG A 78 3.79 -32.57 13.96
N ASN A 79 3.27 -32.46 12.72
CA ASN A 79 3.29 -33.54 11.74
C ASN A 79 4.35 -33.39 10.64
N LEU A 80 5.26 -32.40 10.73
CA LEU A 80 6.36 -32.25 9.78
C LEU A 80 7.60 -32.87 10.41
N TYR A 81 8.26 -33.77 9.69
CA TYR A 81 9.46 -34.49 10.15
C TYR A 81 10.53 -34.41 9.07
N HIS A 82 11.46 -33.45 9.19
CA HIS A 82 12.50 -33.27 8.18
C HIS A 82 13.73 -32.65 8.82
N GLU A 83 14.90 -33.13 8.39
CA GLU A 83 16.23 -32.66 8.82
C GLU A 83 16.36 -31.14 8.71
N ASN A 84 15.69 -30.52 7.71
CA ASN A 84 15.80 -29.08 7.46
C ASN A 84 14.52 -28.31 7.80
N ILE A 85 13.76 -28.83 8.78
CA ILE A 85 12.58 -28.19 9.35
C ILE A 85 12.73 -28.21 10.87
N VAL A 86 12.62 -27.03 11.50
CA VAL A 86 12.73 -26.86 12.98
C VAL A 86 11.84 -27.89 13.71
N LYS A 87 12.37 -28.55 14.75
CA LYS A 87 11.62 -29.60 15.45
C LYS A 87 10.56 -29.07 16.40
N TYR A 88 9.34 -29.62 16.26
CA TYR A 88 8.24 -29.43 17.20
C TYR A 88 8.64 -30.19 18.47
N LYS A 89 8.39 -29.61 19.66
CA LYS A 89 8.67 -30.30 20.94
C LYS A 89 7.37 -30.55 21.70
N GLY A 90 6.45 -29.59 21.66
CA GLY A 90 5.19 -29.75 22.37
C GLY A 90 4.38 -28.48 22.48
N ILE A 91 3.49 -28.44 23.47
CA ILE A 91 2.65 -27.28 23.72
C ILE A 91 2.57 -26.97 25.19
N CYS A 92 2.17 -25.74 25.48
CA CYS A 92 1.88 -25.30 26.84
C CYS A 92 0.44 -24.79 26.77
N THR A 93 -0.47 -25.41 27.52
CA THR A 93 -1.88 -25.02 27.46
C THR A 93 -2.30 -24.20 28.68
N GLU A 94 -3.19 -23.21 28.45
CA GLU A 94 -3.76 -22.31 29.47
C GLU A 94 -4.94 -22.99 30.15
N GLY A 97 -9.79 -22.55 29.51
CA GLY A 97 -8.60 -21.88 28.98
C GLY A 97 -8.31 -22.19 27.53
N ASN A 98 -8.56 -21.21 26.65
CA ASN A 98 -8.40 -21.28 25.19
C ASN A 98 -6.93 -21.08 24.73
N GLY A 99 -6.12 -20.39 25.55
CA GLY A 99 -4.72 -20.08 25.26
C GLY A 99 -3.80 -21.26 25.04
N ILE A 100 -2.76 -21.06 24.21
CA ILE A 100 -1.78 -22.10 23.87
C ILE A 100 -0.45 -21.49 23.45
N LYS A 101 0.65 -22.23 23.66
CA LYS A 101 1.98 -21.84 23.25
C LYS A 101 2.61 -23.00 22.53
N LEU A 102 3.33 -22.70 21.45
CA LEU A 102 4.06 -23.70 20.67
C LEU A 102 5.49 -23.80 21.21
N ILE A 103 5.91 -25.04 21.52
CA ILE A 103 7.27 -25.32 22.00
C ILE A 103 8.06 -25.99 20.86
N MET A 104 9.20 -25.39 20.53
CA MET A 104 10.10 -25.87 19.48
C MET A 104 11.49 -26.01 20.05
N GLU A 105 12.36 -26.73 19.34
CA GLU A 105 13.75 -26.84 19.71
C GLU A 105 14.41 -25.47 19.54
N PHE A 106 15.39 -25.18 20.39
CA PHE A 106 16.13 -23.91 20.34
C PHE A 106 17.43 -24.08 19.54
N LEU A 107 17.65 -23.19 18.54
CA LEU A 107 18.87 -23.17 17.71
C LEU A 107 19.71 -21.93 18.07
N PRO A 108 20.74 -22.10 18.96
CA PRO A 108 21.51 -20.94 19.44
C PRO A 108 22.14 -20.03 18.39
N SER A 109 22.52 -20.57 17.21
CA SER A 109 23.15 -19.75 16.17
C SER A 109 22.18 -18.73 15.51
N GLY A 110 20.89 -18.89 15.73
CA GLY A 110 19.88 -17.97 15.21
C GLY A 110 19.65 -18.06 13.73
N SER A 111 19.08 -16.99 13.16
CA SER A 111 18.77 -16.98 11.74
C SER A 111 19.97 -16.63 10.87
N LEU A 112 19.87 -16.93 9.56
CA LEU A 112 20.92 -16.58 8.59
C LEU A 112 21.10 -15.07 8.52
N LYS A 113 20.04 -14.30 8.81
CA LYS A 113 20.09 -12.83 8.80
C LYS A 113 21.14 -12.28 9.79
N GLU A 114 21.32 -12.90 10.96
CA GLU A 114 22.36 -12.46 11.90
C GLU A 114 23.62 -13.26 11.74
N TYR A 115 23.48 -14.55 11.41
CA TYR A 115 24.61 -15.47 11.28
C TYR A 115 25.54 -15.18 10.11
N LEU A 116 25.01 -15.00 8.89
CA LEU A 116 25.87 -14.80 7.71
C LEU A 116 26.74 -13.55 7.79
N PRO A 117 26.24 -12.35 8.19
CA PRO A 117 27.15 -11.18 8.25
C PRO A 117 28.30 -11.39 9.22
N LYS A 118 28.09 -12.21 10.27
CA LYS A 118 29.07 -12.52 11.32
C LYS A 118 30.05 -13.64 10.98
N ASN A 119 29.72 -14.49 10.00
CA ASN A 119 30.52 -15.67 9.71
C ASN A 119 30.97 -15.79 8.26
N LYS A 120 30.99 -14.66 7.51
CA LYS A 120 31.43 -14.58 6.11
C LYS A 120 32.75 -15.32 5.86
N ASN A 121 33.74 -15.14 6.77
CA ASN A 121 35.07 -15.74 6.63
C ASN A 121 35.08 -17.28 6.59
N LYS A 122 34.14 -17.94 7.28
CA LYS A 122 34.13 -19.40 7.30
C LYS A 122 33.07 -20.02 6.40
N ILE A 123 32.21 -19.18 5.78
CA ILE A 123 31.14 -19.65 4.89
C ILE A 123 31.50 -19.28 3.43
N ASN A 124 32.02 -20.23 2.67
CA ASN A 124 32.37 -19.99 1.27
C ASN A 124 31.19 -20.38 0.34
N LEU A 125 31.37 -20.24 -0.99
CA LEU A 125 30.32 -20.54 -1.98
C LEU A 125 29.81 -21.96 -1.84
N LYS A 126 30.74 -22.93 -1.73
CA LYS A 126 30.39 -24.33 -1.53
C LYS A 126 29.41 -24.49 -0.33
N GLN A 127 29.68 -23.83 0.82
CA GLN A 127 28.77 -23.89 1.97
C GLN A 127 27.44 -23.19 1.69
N GLN A 128 27.49 -22.06 0.96
CA GLN A 128 26.27 -21.33 0.61
C GLN A 128 25.37 -22.23 -0.27
N LEU A 129 25.98 -22.94 -1.24
CA LEU A 129 25.22 -23.85 -2.12
C LEU A 129 24.64 -25.04 -1.35
N LYS A 130 25.40 -25.57 -0.36
CA LYS A 130 24.86 -26.65 0.49
C LYS A 130 23.66 -26.15 1.31
N TYR A 131 23.72 -24.91 1.86
CA TYR A 131 22.55 -24.33 2.57
C TYR A 131 21.38 -24.22 1.60
N ALA A 132 21.66 -23.77 0.37
CA ALA A 132 20.59 -23.60 -0.66
C ALA A 132 19.88 -24.96 -0.90
N VAL A 133 20.67 -26.05 -1.03
CA VAL A 133 20.15 -27.42 -1.22
C VAL A 133 19.24 -27.80 -0.04
N GLN A 134 19.71 -27.54 1.19
CA GLN A 134 18.97 -27.88 2.42
C GLN A 134 17.63 -27.16 2.51
N ILE A 135 17.64 -25.87 2.19
CA ILE A 135 16.40 -25.05 2.16
C ILE A 135 15.45 -25.68 1.13
N CYS A 136 15.94 -25.98 -0.08
CA CYS A 136 15.15 -26.61 -1.15
C CYS A 136 14.58 -27.95 -0.70
N LYS A 137 15.36 -28.76 0.04
CA LYS A 137 14.90 -30.06 0.51
C LYS A 137 13.75 -29.91 1.53
N GLY A 138 13.90 -28.98 2.49
CA GLY A 138 12.83 -28.70 3.46
C GLY A 138 11.59 -28.20 2.75
N MET A 139 11.75 -27.30 1.78
CA MET A 139 10.63 -26.73 1.00
C MET A 139 9.92 -27.78 0.15
N ASP A 140 10.69 -28.67 -0.49
CA ASP A 140 10.12 -29.74 -1.32
C ASP A 140 9.29 -30.68 -0.44
N TYR A 141 9.76 -30.96 0.79
CA TYR A 141 9.05 -31.80 1.76
C TYR A 141 7.71 -31.11 2.12
N LEU A 142 7.74 -29.79 2.40
CA LEU A 142 6.55 -29.00 2.75
C LEU A 142 5.53 -29.04 1.59
N GLY A 143 6.02 -28.85 0.36
CA GLY A 143 5.19 -28.90 -0.84
C GLY A 143 4.57 -30.26 -1.10
N SER A 144 5.32 -31.34 -0.76
CA SER A 144 4.86 -32.73 -0.92
C SER A 144 3.71 -33.04 0.05
N ARG A 145 3.60 -32.28 1.14
CA ARG A 145 2.54 -32.41 2.16
C ARG A 145 1.41 -31.42 1.87
N GLN A 146 1.42 -30.80 0.66
CA GLN A 146 0.43 -29.87 0.10
C GLN A 146 0.31 -28.54 0.86
N TYR A 147 1.44 -27.99 1.32
CA TYR A 147 1.50 -26.70 2.01
C TYR A 147 2.28 -25.64 1.22
N VAL A 148 1.86 -24.37 1.38
CA VAL A 148 2.58 -23.18 0.86
C VAL A 148 3.11 -22.44 2.09
N HIS A 149 4.40 -22.10 2.10
CA HIS A 149 5.02 -21.42 3.23
C HIS A 149 4.62 -19.94 3.37
N ARG A 150 4.71 -19.20 2.25
CA ARG A 150 4.33 -17.77 2.06
C ARG A 150 5.24 -16.76 2.75
N ASP A 151 6.33 -17.19 3.42
CA ASP A 151 7.20 -16.26 4.12
C ASP A 151 8.67 -16.71 4.04
N LEU A 152 9.04 -17.36 2.91
CA LEU A 152 10.40 -17.85 2.73
C LEU A 152 11.36 -16.70 2.46
N ALA A 153 12.26 -16.48 3.42
CA ALA A 153 13.29 -15.41 3.44
C ALA A 153 14.37 -15.88 4.37
N ALA A 154 15.58 -15.36 4.21
CA ALA A 154 16.76 -15.74 5.02
C ALA A 154 16.48 -15.54 6.50
N ARG A 155 15.66 -14.51 6.85
CA ARG A 155 15.26 -14.23 8.23
C ARG A 155 14.54 -15.44 8.87
N ASN A 156 13.87 -16.30 8.07
CA ASN A 156 13.13 -17.46 8.56
C ASN A 156 13.88 -18.78 8.43
N VAL A 157 15.18 -18.69 8.15
CA VAL A 157 16.07 -19.85 8.03
C VAL A 157 17.01 -19.81 9.21
N LEU A 158 16.96 -20.86 10.05
CA LEU A 158 17.80 -20.98 11.24
C LEU A 158 19.03 -21.84 11.00
N VAL A 159 20.07 -21.55 11.75
CA VAL A 159 21.35 -22.26 11.66
C VAL A 159 21.46 -23.28 12.78
N GLU A 160 21.47 -24.58 12.43
CA GLU A 160 21.61 -25.69 13.37
C GLU A 160 23.12 -25.82 13.73
N SER A 161 23.98 -25.64 12.73
CA SER A 161 25.44 -25.68 12.84
C SER A 161 26.00 -25.05 11.57
N GLU A 162 27.32 -24.90 11.50
CA GLU A 162 27.99 -24.38 10.29
C GLU A 162 27.59 -25.22 9.03
N HIS A 163 27.23 -26.49 9.23
CA HIS A 163 26.92 -27.39 8.11
C HIS A 163 25.43 -27.67 7.89
N GLN A 164 24.54 -27.10 8.73
CA GLN A 164 23.11 -27.42 8.57
C GLN A 164 22.20 -26.24 8.93
N VAL A 165 21.21 -25.97 8.06
CA VAL A 165 20.18 -24.96 8.29
C VAL A 165 18.80 -25.64 8.34
N LYS A 166 17.81 -24.96 8.92
CA LYS A 166 16.43 -25.48 9.01
C LYS A 166 15.45 -24.32 8.80
N ILE A 167 14.30 -24.55 8.14
CA ILE A 167 13.23 -23.52 8.03
C ILE A 167 12.71 -23.42 9.46
N GLY A 168 12.75 -22.21 10.02
CA GLY A 168 12.48 -21.99 11.44
C GLY A 168 11.14 -21.46 11.89
N ASP A 169 10.29 -21.09 10.93
CA ASP A 169 9.00 -20.53 11.27
C ASP A 169 7.98 -20.89 10.23
N PHE A 170 6.73 -21.16 10.66
CA PHE A 170 5.62 -21.58 9.80
C PHE A 170 4.35 -20.76 10.10
N GLY A 171 4.56 -19.55 10.63
CA GLY A 171 3.48 -18.63 11.03
C GLY A 171 2.45 -18.30 9.98
N LEU A 172 2.86 -18.27 8.69
CA LEU A 172 1.95 -17.95 7.57
C LEU A 172 1.64 -19.19 6.69
N THR A 173 2.17 -20.39 7.05
CA THR A 173 1.97 -21.59 6.24
C THR A 173 0.47 -21.97 6.12
N LYS A 174 0.04 -22.24 4.88
CA LYS A 174 -1.35 -22.58 4.53
C LYS A 174 -1.42 -23.84 3.69
N ALA A 175 -2.50 -24.63 3.87
CA ALA A 175 -2.70 -25.83 3.07
C ALA A 175 -3.24 -25.44 1.70
N ILE A 176 -2.90 -26.23 0.67
CA ILE A 176 -3.48 -26.16 -0.67
C ILE A 176 -4.52 -27.31 -0.70
N GLU A 177 -5.65 -27.08 -1.32
CA GLU A 177 -6.70 -28.11 -1.41
C GLU A 177 -6.35 -29.25 -2.37
N THR A 178 -6.86 -30.47 -2.10
CA THR A 178 -6.67 -31.65 -2.94
C THR A 178 -7.40 -31.37 -4.26
N ASP A 179 -6.69 -31.53 -5.40
CA ASP A 179 -7.14 -31.27 -6.78
C ASP A 179 -7.19 -29.75 -7.07
N LYS A 180 -6.35 -28.97 -6.35
CA LYS A 180 -6.17 -27.52 -6.48
C LYS A 180 -4.68 -27.19 -6.58
N GLU A 181 -4.35 -26.00 -7.10
CA GLU A 181 -2.93 -25.64 -7.28
C GLU A 181 -2.44 -24.47 -6.44
N THR A 184 -5.81 -18.89 -1.88
CA THR A 184 -6.23 -17.52 -2.09
C THR A 184 -6.09 -16.75 -0.79
N VAL A 185 -5.29 -15.66 -0.79
CA VAL A 185 -5.08 -14.84 0.39
C VAL A 185 -6.12 -13.72 0.50
N LYS A 186 -6.66 -13.53 1.70
CA LYS A 186 -7.60 -12.45 1.99
C LYS A 186 -6.86 -11.40 2.83
N ASP A 187 -6.15 -11.84 3.87
CA ASP A 187 -5.35 -11.00 4.77
C ASP A 187 -3.92 -10.86 4.22
N ASP A 188 -3.65 -9.77 3.47
CA ASP A 188 -2.35 -9.48 2.84
C ASP A 188 -1.66 -8.17 3.29
N ARG A 189 -2.25 -7.44 4.27
CA ARG A 189 -1.75 -6.14 4.78
C ARG A 189 -0.25 -6.16 5.17
N ASP A 190 0.23 -7.25 5.82
CA ASP A 190 1.64 -7.32 6.24
C ASP A 190 2.51 -8.23 5.36
N SER A 191 2.16 -8.34 4.06
CA SER A 191 2.91 -9.19 3.12
C SER A 191 4.36 -8.74 2.89
N PRO A 192 5.33 -9.69 2.83
CA PRO A 192 6.73 -9.29 2.51
C PRO A 192 6.85 -9.18 0.98
N VAL A 193 6.27 -8.09 0.45
CA VAL A 193 6.12 -7.84 -0.99
C VAL A 193 7.43 -7.98 -1.79
N PHE A 194 8.60 -7.67 -1.22
CA PHE A 194 9.86 -7.78 -1.98
C PHE A 194 10.36 -9.24 -2.15
N TRP A 195 9.64 -10.21 -1.56
CA TRP A 195 9.93 -11.64 -1.68
C TRP A 195 8.82 -12.35 -2.47
N TYR A 196 7.79 -11.59 -2.91
CA TYR A 196 6.60 -12.15 -3.53
C TYR A 196 6.57 -12.18 -5.06
N ALA A 197 6.08 -13.31 -5.59
CA ALA A 197 5.86 -13.53 -7.02
C ALA A 197 4.76 -12.60 -7.57
N PRO A 198 4.77 -12.29 -8.88
CA PRO A 198 3.75 -11.39 -9.44
C PRO A 198 2.29 -11.82 -9.21
N GLU A 199 1.98 -13.13 -9.31
CA GLU A 199 0.61 -13.64 -9.08
C GLU A 199 0.12 -13.40 -7.63
N CYS A 200 1.04 -13.35 -6.64
CA CYS A 200 0.70 -13.08 -5.24
C CYS A 200 0.35 -11.59 -5.06
N LEU A 201 1.14 -10.69 -5.68
CA LEU A 201 0.98 -9.23 -5.59
C LEU A 201 -0.27 -8.69 -6.30
N MET A 202 -0.62 -9.28 -7.46
CA MET A 202 -1.76 -8.74 -8.17
C MET A 202 -3.03 -9.62 -8.13
N GLN A 203 -2.93 -10.95 -8.15
CA GLN A 203 -4.12 -11.81 -8.13
C GLN A 203 -4.37 -12.52 -6.78
N SER A 204 -3.51 -12.27 -5.77
CA SER A 204 -3.61 -12.83 -4.40
C SER A 204 -3.63 -14.38 -4.37
N LYS A 205 -2.98 -15.01 -5.35
CA LYS A 205 -2.91 -16.47 -5.48
C LYS A 205 -1.53 -16.93 -5.10
N PHE A 206 -1.46 -17.99 -4.27
CA PHE A 206 -0.23 -18.59 -3.73
C PHE A 206 -0.08 -20.02 -4.19
N TYR A 207 0.91 -20.28 -5.03
CA TYR A 207 1.22 -21.61 -5.56
C TYR A 207 2.53 -22.08 -4.95
N ILE A 208 2.88 -23.37 -5.15
N ILE A 208 2.88 -23.37 -5.14
CA ILE A 208 4.18 -23.91 -4.74
CA ILE A 208 4.18 -23.86 -4.70
C ILE A 208 5.26 -23.14 -5.55
C ILE A 208 5.26 -23.09 -5.53
N ALA A 209 4.94 -22.74 -6.81
CA ALA A 209 5.81 -21.95 -7.69
C ALA A 209 6.06 -20.55 -7.14
N SER A 210 5.10 -20.02 -6.34
CA SER A 210 5.24 -18.72 -5.65
C SER A 210 6.30 -18.86 -4.53
N ASP A 211 6.36 -20.05 -3.86
CA ASP A 211 7.41 -20.31 -2.85
C ASP A 211 8.75 -20.45 -3.56
N VAL A 212 8.77 -20.99 -4.81
CA VAL A 212 10.03 -21.11 -5.59
C VAL A 212 10.55 -19.68 -5.87
N TRP A 213 9.64 -18.70 -6.21
CA TRP A 213 10.02 -17.30 -6.43
C TRP A 213 10.71 -16.74 -5.18
N SER A 214 10.09 -16.97 -4.00
N SER A 214 10.08 -16.95 -3.99
CA SER A 214 10.58 -16.54 -2.69
CA SER A 214 10.62 -16.50 -2.70
C SER A 214 11.95 -17.17 -2.41
C SER A 214 11.97 -17.16 -2.41
N PHE A 215 12.14 -18.44 -2.83
CA PHE A 215 13.41 -19.15 -2.65
C PHE A 215 14.51 -18.42 -3.46
N GLY A 216 14.19 -18.03 -4.70
CA GLY A 216 15.13 -17.29 -5.54
C GLY A 216 15.66 -16.02 -4.86
N VAL A 217 14.75 -15.28 -4.22
CA VAL A 217 15.08 -14.07 -3.46
C VAL A 217 15.93 -14.46 -2.21
N THR A 218 15.54 -15.55 -1.49
CA THR A 218 16.30 -16.07 -0.32
C THR A 218 17.73 -16.45 -0.74
N LEU A 219 17.87 -17.06 -1.92
CA LEU A 219 19.18 -17.45 -2.48
C LEU A 219 20.04 -16.21 -2.71
N HIS A 220 19.45 -15.14 -3.26
CA HIS A 220 20.12 -13.87 -3.46
C HIS A 220 20.64 -13.35 -2.10
N GLU A 221 19.81 -13.39 -1.02
CA GLU A 221 20.20 -12.97 0.35
C GLU A 221 21.39 -13.80 0.86
N LEU A 222 21.28 -15.12 0.69
CA LEU A 222 22.35 -16.04 1.06
C LEU A 222 23.69 -15.66 0.38
N LEU A 223 23.63 -15.36 -0.92
CA LEU A 223 24.82 -14.99 -1.70
C LEU A 223 25.39 -13.62 -1.35
N THR A 224 24.57 -12.74 -0.76
CA THR A 224 25.02 -11.41 -0.32
C THR A 224 25.34 -11.42 1.19
N TYR A 225 25.34 -12.63 1.83
CA TYR A 225 25.58 -12.78 3.27
C TYR A 225 24.62 -11.92 4.11
N CYS A 226 23.36 -11.79 3.62
CA CYS A 226 22.33 -10.97 4.26
C CYS A 226 22.78 -9.55 4.60
N ASP A 227 23.62 -8.95 3.74
CA ASP A 227 24.05 -7.58 3.99
C ASP A 227 22.85 -6.67 3.84
N SER A 228 22.59 -5.84 4.86
CA SER A 228 21.44 -4.93 4.91
C SER A 228 21.36 -3.95 3.71
N ASP A 229 22.53 -3.50 3.22
CA ASP A 229 22.60 -2.54 2.10
C ASP A 229 22.35 -3.20 0.72
N SER A 230 22.41 -4.53 0.67
CA SER A 230 22.20 -5.34 -0.54
C SER A 230 20.90 -6.15 -0.42
N SER A 231 20.10 -5.87 0.62
CA SER A 231 18.84 -6.61 0.86
C SER A 231 17.85 -6.49 -0.30
N PRO A 232 16.96 -7.50 -0.53
CA PRO A 232 15.95 -7.39 -1.59
C PRO A 232 15.11 -6.12 -1.52
N MET A 233 14.78 -5.66 -0.29
CA MET A 233 14.03 -4.41 -0.06
C MET A 233 14.88 -3.21 -0.52
N ALA A 234 16.15 -3.10 -0.07
CA ALA A 234 17.02 -1.98 -0.45
C ALA A 234 17.25 -1.89 -1.95
N LEU A 235 17.46 -3.05 -2.62
CA LEU A 235 17.73 -3.10 -4.05
C LEU A 235 16.52 -2.74 -4.91
N PHE A 236 15.33 -3.28 -4.58
CA PHE A 236 14.11 -2.98 -5.31
C PHE A 236 13.71 -1.51 -5.12
N LEU A 237 13.86 -0.98 -3.88
CA LEU A 237 13.54 0.43 -3.59
C LEU A 237 14.47 1.36 -4.33
N LYS A 238 15.71 0.92 -4.63
CA LYS A 238 16.63 1.73 -5.43
C LYS A 238 16.15 1.71 -6.90
N MET A 239 15.69 0.54 -7.39
CA MET A 239 15.18 0.32 -8.74
C MET A 239 13.91 1.12 -9.09
N ILE A 240 12.89 1.09 -8.20
CA ILE A 240 11.56 1.69 -8.41
C ILE A 240 11.35 3.09 -7.75
N GLY A 241 12.14 3.40 -6.72
CA GLY A 241 12.03 4.62 -5.92
C GLY A 241 11.60 4.31 -4.49
N PRO A 242 12.20 4.95 -3.45
CA PRO A 242 11.85 4.57 -2.06
C PRO A 242 10.65 5.28 -1.39
N THR A 243 10.46 6.56 -1.68
CA THR A 243 9.46 7.44 -1.08
C THR A 243 8.02 7.32 -1.65
N HIS A 244 7.68 6.22 -2.36
CA HIS A 244 6.38 6.10 -3.02
C HIS A 244 5.17 5.70 -2.14
N GLY A 245 5.37 5.46 -0.85
CA GLY A 245 4.29 5.10 0.08
C GLY A 245 3.40 3.95 -0.38
N GLN A 246 2.06 4.20 -0.46
CA GLN A 246 1.05 3.21 -0.88
C GLN A 246 1.11 2.81 -2.38
N MET A 247 1.93 3.52 -3.19
N MET A 247 1.92 3.53 -3.19
CA MET A 247 2.10 3.22 -4.62
CA MET A 247 2.09 3.24 -4.63
C MET A 247 3.26 2.27 -4.90
C MET A 247 3.26 2.27 -4.90
N THR A 248 4.01 1.89 -3.87
CA THR A 248 5.20 1.01 -3.97
C THR A 248 4.92 -0.34 -4.67
N VAL A 249 3.87 -1.08 -4.25
CA VAL A 249 3.56 -2.42 -4.82
C VAL A 249 3.22 -2.32 -6.33
N THR A 250 2.41 -1.34 -6.74
CA THR A 250 2.04 -1.14 -8.15
C THR A 250 3.31 -0.86 -9.00
N ARG A 251 4.26 -0.08 -8.46
CA ARG A 251 5.54 0.25 -9.12
C ARG A 251 6.46 -0.99 -9.20
N LEU A 252 6.36 -1.87 -8.20
CA LEU A 252 7.10 -3.13 -8.13
C LEU A 252 6.56 -4.11 -9.19
N VAL A 253 5.21 -4.23 -9.33
CA VAL A 253 4.54 -5.08 -10.31
C VAL A 253 4.93 -4.67 -11.74
N ASN A 254 4.90 -3.36 -12.01
CA ASN A 254 5.29 -2.79 -13.31
C ASN A 254 6.72 -3.15 -13.68
N THR A 255 7.65 -3.09 -12.71
CA THR A 255 9.07 -3.41 -12.86
C THR A 255 9.26 -4.89 -13.23
N LEU A 256 8.48 -5.78 -12.58
CA LEU A 256 8.55 -7.23 -12.81
C LEU A 256 7.97 -7.64 -14.16
N LYS A 257 6.89 -6.92 -14.61
CA LYS A 257 6.25 -7.13 -15.91
C LYS A 257 7.23 -6.79 -17.03
N GLU A 258 8.09 -5.77 -16.80
CA GLU A 258 9.11 -5.29 -17.74
C GLU A 258 10.29 -6.26 -17.90
N GLY A 259 10.40 -7.23 -17.00
CA GLY A 259 11.45 -8.24 -17.04
C GLY A 259 12.65 -7.92 -16.17
N LYS A 260 12.58 -6.81 -15.42
CA LYS A 260 13.63 -6.40 -14.48
C LYS A 260 13.64 -7.28 -13.23
N ARG A 261 14.85 -7.67 -12.80
CA ARG A 261 15.06 -8.53 -11.64
C ARG A 261 16.24 -8.05 -10.82
N LEU A 262 16.37 -8.55 -9.59
CA LEU A 262 17.50 -8.27 -8.70
C LEU A 262 18.79 -8.63 -9.42
N PRO A 263 19.83 -7.80 -9.28
CA PRO A 263 21.10 -8.07 -9.99
C PRO A 263 21.89 -9.24 -9.43
N CYS A 264 22.89 -9.70 -10.20
CA CYS A 264 23.76 -10.78 -9.77
C CYS A 264 24.58 -10.31 -8.58
N PRO A 265 24.59 -11.06 -7.46
CA PRO A 265 25.37 -10.62 -6.30
C PRO A 265 26.86 -10.51 -6.58
N PRO A 266 27.60 -9.64 -5.86
CA PRO A 266 29.05 -9.57 -6.08
C PRO A 266 29.70 -10.92 -5.79
N ASN A 267 30.60 -11.35 -6.69
CA ASN A 267 31.33 -12.62 -6.59
C ASN A 267 30.45 -13.86 -6.81
N CYS A 268 29.17 -13.67 -7.21
CA CYS A 268 28.31 -14.83 -7.49
C CYS A 268 28.57 -15.27 -8.92
N PRO A 269 28.98 -16.53 -9.17
CA PRO A 269 29.21 -16.94 -10.58
C PRO A 269 27.92 -16.97 -11.39
N ASP A 270 28.02 -16.70 -12.70
CA ASP A 270 26.85 -16.66 -13.58
C ASP A 270 25.99 -17.93 -13.53
N GLU A 271 26.61 -19.12 -13.48
CA GLU A 271 25.88 -20.41 -13.39
C GLU A 271 24.94 -20.48 -12.17
N VAL A 272 25.35 -19.84 -11.04
CA VAL A 272 24.52 -19.79 -9.84
C VAL A 272 23.39 -18.77 -10.07
N TYR A 273 23.73 -17.59 -10.65
CA TYR A 273 22.76 -16.55 -11.00
C TYR A 273 21.66 -17.06 -11.97
N GLN A 274 22.03 -17.93 -12.93
CA GLN A 274 21.04 -18.48 -13.86
C GLN A 274 20.02 -19.40 -13.16
N LEU A 275 20.45 -20.13 -12.11
CA LEU A 275 19.56 -20.98 -11.32
C LEU A 275 18.57 -20.08 -10.54
N MET A 276 19.07 -18.95 -10.01
CA MET A 276 18.27 -17.94 -9.31
C MET A 276 17.22 -17.31 -10.24
N ARG A 277 17.61 -16.95 -11.48
CA ARG A 277 16.71 -16.36 -12.49
C ARG A 277 15.58 -17.32 -12.88
N LYS A 278 15.83 -18.64 -12.88
CA LYS A 278 14.81 -19.65 -13.18
C LYS A 278 13.66 -19.69 -12.15
N CYS A 279 13.90 -19.15 -10.92
CA CYS A 279 12.91 -19.02 -9.84
C CYS A 279 12.02 -17.79 -10.15
N TRP A 280 12.48 -16.91 -11.05
CA TRP A 280 11.83 -15.63 -11.32
C TRP A 280 11.18 -15.48 -12.68
N GLU A 281 10.78 -16.61 -13.31
CA GLU A 281 10.02 -16.58 -14.55
C GLU A 281 8.67 -15.96 -14.18
N PHE A 282 8.16 -15.02 -14.99
CA PHE A 282 6.90 -14.33 -14.69
C PHE A 282 5.72 -15.28 -14.42
N GLN A 283 5.51 -16.27 -15.33
CA GLN A 283 4.44 -17.28 -15.20
C GLN A 283 4.89 -18.40 -14.26
N PRO A 284 4.06 -18.78 -13.25
CA PRO A 284 4.44 -19.86 -12.32
C PRO A 284 4.75 -21.21 -12.98
N SER A 285 3.99 -21.58 -14.06
CA SER A 285 4.16 -22.83 -14.82
C SER A 285 5.55 -22.96 -15.47
N ASN A 286 6.17 -21.81 -15.81
CA ASN A 286 7.49 -21.71 -16.43
C ASN A 286 8.68 -21.77 -15.46
N ARG A 287 8.44 -21.49 -14.17
CA ARG A 287 9.47 -21.50 -13.13
C ARG A 287 10.02 -22.91 -12.86
N THR A 288 11.28 -22.98 -12.37
CA THR A 288 11.94 -24.22 -11.99
C THR A 288 11.24 -24.83 -10.77
N SER A 289 11.44 -26.14 -10.54
CA SER A 289 10.88 -26.81 -9.36
C SER A 289 11.98 -26.85 -8.29
N PHE A 290 11.62 -27.24 -7.05
CA PHE A 290 12.62 -27.41 -5.99
C PHE A 290 13.55 -28.58 -6.30
N GLN A 291 13.01 -29.70 -6.83
CA GLN A 291 13.85 -30.86 -7.21
C GLN A 291 14.88 -30.50 -8.30
N ASN A 292 14.48 -29.65 -9.29
N ASN A 292 14.48 -29.65 -9.29
CA ASN A 292 15.37 -29.20 -10.37
CA ASN A 292 15.37 -29.20 -10.38
C ASN A 292 16.48 -28.32 -9.81
C ASN A 292 16.48 -28.31 -9.82
N LEU A 293 16.15 -27.49 -8.80
CA LEU A 293 17.10 -26.63 -8.11
C LEU A 293 18.08 -27.50 -7.34
N ILE A 294 17.58 -28.54 -6.64
CA ILE A 294 18.43 -29.50 -5.91
C ILE A 294 19.44 -30.14 -6.87
N GLU A 295 18.96 -30.59 -8.05
CA GLU A 295 19.87 -31.22 -9.03
C GLU A 295 20.86 -30.19 -9.64
N GLY A 296 20.40 -28.95 -9.84
CA GLY A 296 21.24 -27.86 -10.35
C GLY A 296 22.39 -27.53 -9.42
N PHE A 297 22.10 -27.38 -8.10
CA PHE A 297 23.12 -27.08 -7.08
C PHE A 297 24.08 -28.25 -6.89
N GLU A 298 23.54 -29.49 -6.83
CA GLU A 298 24.34 -30.72 -6.68
C GLU A 298 25.34 -30.87 -7.83
N ALA A 299 24.95 -30.46 -9.05
CA ALA A 299 25.82 -30.49 -10.24
C ALA A 299 26.97 -29.45 -10.12
N LEU A 300 26.70 -28.31 -9.48
CA LEU A 300 27.71 -27.26 -9.27
C LEU A 300 28.64 -27.63 -8.11
N LEU A 301 28.15 -28.44 -7.17
CA LEU A 301 28.92 -28.92 -6.02
C LEU A 301 29.89 -30.06 -6.38
N LYS A 302 29.78 -30.65 -7.60
CA LYS A 302 30.65 -31.71 -8.10
C LYS A 302 32.04 -31.16 -8.43
N VAL B 12 1.72 52.06 -8.18
CA VAL B 12 1.08 51.10 -7.27
C VAL B 12 0.58 49.86 -8.03
N ASP B 13 1.00 48.67 -7.57
CA ASP B 13 0.59 47.42 -8.18
C ASP B 13 -0.58 46.84 -7.39
N PRO B 14 -1.77 46.73 -8.01
CA PRO B 14 -2.93 46.15 -7.31
C PRO B 14 -2.82 44.65 -7.01
N THR B 15 -1.83 43.97 -7.63
CA THR B 15 -1.62 42.54 -7.41
C THR B 15 -0.52 42.32 -6.37
N HIS B 16 0.02 43.42 -5.82
CA HIS B 16 1.05 43.34 -4.81
C HIS B 16 0.40 43.60 -3.44
N PHE B 17 0.42 42.58 -2.58
CA PHE B 17 -0.15 42.65 -1.24
C PHE B 17 1.00 42.73 -0.24
N GLU B 18 1.09 43.84 0.49
CA GLU B 18 2.17 44.05 1.46
C GLU B 18 1.93 43.17 2.69
N LYS B 19 2.94 42.42 3.15
CA LYS B 19 2.82 41.54 4.32
C LYS B 19 2.27 42.28 5.57
N ARG B 20 2.74 43.54 5.81
CA ARG B 20 2.37 44.33 6.98
C ARG B 20 0.86 44.63 7.10
N PHE B 21 0.10 44.55 5.99
CA PHE B 21 -1.34 44.80 5.97
C PHE B 21 -2.17 43.54 5.82
N LEU B 22 -1.51 42.41 5.57
CA LEU B 22 -2.18 41.13 5.33
C LEU B 22 -2.36 40.43 6.68
N LYS B 23 -3.56 40.59 7.26
CA LYS B 23 -3.86 40.09 8.59
C LYS B 23 -4.59 38.74 8.59
N ARG B 24 -3.96 37.71 9.18
CA ARG B 24 -4.52 36.36 9.30
C ARG B 24 -5.74 36.31 10.23
N ILE B 25 -6.83 35.73 9.72
N ILE B 25 -6.83 35.74 9.71
CA ILE B 25 -8.04 35.54 10.52
CA ILE B 25 -8.08 35.56 10.45
C ILE B 25 -8.12 34.08 10.99
C ILE B 25 -8.16 34.11 10.97
N ARG B 26 -8.24 33.12 10.05
CA ARG B 26 -8.37 31.70 10.41
C ARG B 26 -7.96 30.76 9.25
N ASP B 27 -7.79 29.47 9.56
CA ASP B 27 -7.49 28.47 8.52
C ASP B 27 -8.76 28.18 7.71
N LEU B 28 -8.61 27.99 6.39
CA LEU B 28 -9.73 27.65 5.50
C LEU B 28 -9.65 26.19 5.08
N GLY B 29 -8.44 25.75 4.76
CA GLY B 29 -8.16 24.38 4.37
C GLY B 29 -6.70 24.15 4.10
N GLU B 30 -6.37 22.92 3.74
CA GLU B 30 -4.98 22.55 3.42
C GLU B 30 -4.96 21.34 2.50
N GLY B 31 -3.81 21.09 1.90
CA GLY B 31 -3.63 19.94 1.06
C GLY B 31 -2.16 19.79 0.76
N HIS B 32 -1.63 18.56 0.88
CA HIS B 32 -0.26 18.26 0.50
C HIS B 32 0.76 19.19 1.23
N PHE B 33 1.51 20.00 0.49
CA PHE B 33 2.54 20.91 1.03
C PHE B 33 2.06 22.36 1.34
N GLY B 34 0.77 22.63 1.13
CA GLY B 34 0.25 23.97 1.33
C GLY B 34 -0.96 24.10 2.23
N LYS B 35 -1.23 25.35 2.62
CA LYS B 35 -2.39 25.69 3.43
C LYS B 35 -3.01 27.00 2.93
N VAL B 36 -4.31 27.11 3.06
CA VAL B 36 -5.03 28.30 2.66
C VAL B 36 -5.68 28.93 3.90
N GLU B 37 -5.48 30.26 4.07
CA GLU B 37 -5.99 31.00 5.23
C GLU B 37 -6.87 32.16 4.80
N LEU B 38 -7.89 32.46 5.62
CA LEU B 38 -8.70 33.65 5.45
C LEU B 38 -7.88 34.78 6.08
N CYS B 39 -7.68 35.87 5.33
CA CYS B 39 -6.97 37.06 5.79
C CYS B 39 -7.80 38.27 5.44
N ARG B 40 -7.52 39.37 6.13
CA ARG B 40 -8.10 40.65 5.75
C ARG B 40 -6.91 41.48 5.27
N TYR B 41 -6.97 42.02 4.03
CA TYR B 41 -5.92 42.91 3.58
C TYR B 41 -6.38 44.30 4.05
N ASP B 42 -5.79 44.81 5.14
CA ASP B 42 -6.28 46.03 5.78
C ASP B 42 -5.28 47.23 5.78
N PRO B 43 -4.95 47.83 4.60
CA PRO B 43 -4.01 48.99 4.60
C PRO B 43 -4.46 50.20 5.41
N GLU B 44 -5.79 50.38 5.59
CA GLU B 44 -6.31 51.51 6.38
C GLU B 44 -6.27 51.23 7.89
N GLY B 45 -6.01 49.97 8.26
CA GLY B 45 -5.89 49.54 9.65
C GLY B 45 -7.12 49.71 10.53
N ASP B 46 -8.33 49.69 9.94
CA ASP B 46 -9.58 49.87 10.69
C ASP B 46 -10.58 48.71 10.53
N ASN B 47 -10.09 47.54 10.07
CA ASN B 47 -10.88 46.32 9.87
C ASN B 47 -11.95 46.47 8.75
N THR B 48 -11.72 47.39 7.78
CA THR B 48 -12.67 47.56 6.67
C THR B 48 -12.14 46.95 5.38
N GLY B 49 -10.88 46.52 5.37
CA GLY B 49 -10.22 45.93 4.22
C GLY B 49 -10.92 44.70 3.67
N GLU B 50 -10.60 44.35 2.42
N GLU B 50 -10.62 44.35 2.41
CA GLU B 50 -11.19 43.18 1.79
CA GLU B 50 -11.22 43.20 1.75
C GLU B 50 -10.69 41.87 2.41
C GLU B 50 -10.67 41.87 2.30
N GLN B 51 -11.56 40.88 2.48
CA GLN B 51 -11.22 39.54 2.93
C GLN B 51 -10.68 38.81 1.69
N VAL B 52 -9.60 38.03 1.86
CA VAL B 52 -8.92 37.29 0.78
C VAL B 52 -8.52 35.87 1.27
N ALA B 53 -8.31 34.92 0.35
CA ALA B 53 -7.85 33.58 0.70
C ALA B 53 -6.38 33.56 0.30
N VAL B 54 -5.53 33.18 1.24
CA VAL B 54 -4.07 33.22 1.07
C VAL B 54 -3.47 31.84 1.16
N LYS B 55 -2.79 31.42 0.08
CA LYS B 55 -2.09 30.14 0.08
C LYS B 55 -0.64 30.35 0.44
N SER B 56 -0.14 29.59 1.44
N SER B 56 -0.15 29.59 1.45
CA SER B 56 1.26 29.63 1.86
CA SER B 56 1.25 29.61 1.89
C SER B 56 1.74 28.20 2.04
C SER B 56 1.73 28.18 1.94
N LEU B 57 3.05 27.99 1.93
CA LEU B 57 3.60 26.66 2.11
C LEU B 57 3.52 26.29 3.60
N LYS B 58 3.26 25.00 3.89
CA LYS B 58 3.25 24.51 5.27
C LYS B 58 4.72 24.60 5.73
N PRO B 59 5.01 25.04 6.99
CA PRO B 59 6.42 25.16 7.42
C PRO B 59 7.12 23.83 7.69
N GLU B 60 7.17 22.95 6.69
CA GLU B 60 7.75 21.61 6.72
C GLU B 60 8.09 21.14 5.30
N GLY B 63 12.16 22.75 2.05
CA GLY B 63 11.63 23.97 1.44
C GLY B 63 11.55 23.92 -0.08
N ASN B 64 11.68 22.69 -0.64
CA ASN B 64 11.67 22.37 -2.07
C ASN B 64 10.40 22.79 -2.82
N HIS B 65 9.30 22.96 -2.11
CA HIS B 65 8.00 23.25 -2.69
C HIS B 65 7.77 24.73 -3.09
N ILE B 66 8.74 25.65 -2.82
N ILE B 66 8.72 25.64 -2.82
CA ILE B 66 8.63 27.06 -3.23
CA ILE B 66 8.58 27.05 -3.22
C ILE B 66 8.45 27.13 -4.75
C ILE B 66 8.46 27.15 -4.76
N ALA B 67 9.27 26.34 -5.50
CA ALA B 67 9.23 26.27 -6.97
C ALA B 67 7.83 25.84 -7.44
N ASP B 68 7.22 24.84 -6.74
CA ASP B 68 5.84 24.39 -7.08
C ASP B 68 4.81 25.49 -6.85
N LEU B 69 4.91 26.22 -5.72
CA LEU B 69 3.95 27.29 -5.44
C LEU B 69 4.09 28.43 -6.48
N LYS B 70 5.35 28.77 -6.85
CA LYS B 70 5.61 29.81 -7.85
C LYS B 70 5.00 29.40 -9.20
N LYS B 71 5.14 28.10 -9.59
CA LYS B 71 4.57 27.57 -10.85
C LYS B 71 3.03 27.68 -10.82
N GLU B 72 2.44 27.34 -9.67
CA GLU B 72 0.97 27.40 -9.47
C GLU B 72 0.46 28.85 -9.63
N ILE B 73 1.20 29.82 -9.05
CA ILE B 73 0.87 31.25 -9.13
C ILE B 73 0.86 31.68 -10.60
N GLU B 74 1.87 31.28 -11.37
CA GLU B 74 1.97 31.64 -12.77
C GLU B 74 0.85 31.01 -13.62
N ILE B 75 0.43 29.79 -13.24
CA ILE B 75 -0.67 29.13 -13.94
C ILE B 75 -1.97 29.89 -13.64
N LEU B 76 -2.28 30.07 -12.34
CA LEU B 76 -3.54 30.71 -11.92
C LEU B 76 -3.68 32.16 -12.41
N ARG B 77 -2.59 32.92 -12.35
CA ARG B 77 -2.50 34.34 -12.78
C ARG B 77 -3.02 34.53 -14.22
N ASN B 78 -2.79 33.51 -15.06
CA ASN B 78 -3.16 33.56 -16.48
C ASN B 78 -4.42 32.79 -16.83
N LEU B 79 -5.16 32.27 -15.84
CA LEU B 79 -6.43 31.59 -16.08
C LEU B 79 -7.54 32.61 -15.78
N TYR B 80 -8.45 32.79 -16.74
CA TYR B 80 -9.58 33.73 -16.63
C TYR B 80 -10.86 33.01 -17.02
N HIS B 81 -11.61 32.53 -16.03
CA HIS B 81 -12.84 31.79 -16.31
C HIS B 81 -13.81 31.94 -15.16
N GLU B 82 -15.09 32.09 -15.52
CA GLU B 82 -16.22 32.22 -14.58
C GLU B 82 -16.22 31.09 -13.52
N ASN B 83 -15.75 29.87 -13.89
CA ASN B 83 -15.74 28.72 -12.99
C ASN B 83 -14.35 28.30 -12.51
N ILE B 84 -13.43 29.27 -12.45
CA ILE B 84 -12.10 29.12 -11.90
C ILE B 84 -11.90 30.24 -10.88
N VAL B 85 -11.50 29.86 -9.66
CA VAL B 85 -11.26 30.81 -8.55
C VAL B 85 -10.32 31.96 -9.04
N LYS B 86 -10.67 33.21 -8.71
CA LYS B 86 -9.89 34.35 -9.19
C LYS B 86 -8.58 34.58 -8.47
N TYR B 87 -7.50 34.69 -9.25
CA TYR B 87 -6.20 35.14 -8.79
C TYR B 87 -6.38 36.63 -8.41
N LYS B 88 -5.79 37.06 -7.28
CA LYS B 88 -5.82 38.48 -6.89
C LYS B 88 -4.41 39.06 -6.90
N GLY B 89 -3.43 38.28 -6.45
CA GLY B 89 -2.07 38.80 -6.41
C GLY B 89 -1.12 37.92 -5.63
N ILE B 90 -0.02 38.52 -5.17
CA ILE B 90 0.98 37.79 -4.41
C ILE B 90 1.44 38.65 -3.22
N CYS B 91 2.02 37.98 -2.25
CA CYS B 91 2.70 38.64 -1.14
C CYS B 91 4.12 38.10 -1.17
N THR B 92 5.12 38.98 -1.36
CA THR B 92 6.50 38.53 -1.45
C THR B 92 7.28 38.82 -0.18
N GLU B 93 8.13 37.87 0.20
CA GLU B 93 8.99 37.95 1.39
C GLU B 93 10.11 38.97 1.17
N GLY B 96 12.92 37.42 1.23
CA GLY B 96 13.79 36.82 0.21
C GLY B 96 13.06 36.01 -0.85
N ASN B 97 13.19 34.68 -0.75
CA ASN B 97 12.66 33.67 -1.68
C ASN B 97 11.17 33.37 -1.48
N GLY B 98 10.65 33.63 -0.27
CA GLY B 98 9.27 33.34 0.11
C GLY B 98 8.19 34.04 -0.70
N ILE B 99 7.02 33.39 -0.84
CA ILE B 99 5.88 33.93 -1.59
C ILE B 99 4.56 33.35 -1.11
N LYS B 100 3.47 34.11 -1.28
CA LYS B 100 2.12 33.68 -0.93
C LYS B 100 1.22 34.02 -2.07
N LEU B 101 0.29 33.11 -2.37
CA LEU B 101 -0.71 33.31 -3.41
C LEU B 101 -1.97 33.93 -2.80
N ILE B 102 -2.45 35.02 -3.39
CA ILE B 102 -3.68 35.71 -2.95
C ILE B 102 -4.78 35.42 -3.98
N MET B 103 -5.90 34.91 -3.48
CA MET B 103 -7.08 34.58 -4.28
C MET B 103 -8.29 35.24 -3.66
N GLU B 104 -9.37 35.31 -4.44
CA GLU B 104 -10.64 35.82 -3.94
C GLU B 104 -11.15 34.84 -2.87
N PHE B 105 -11.86 35.37 -1.87
CA PHE B 105 -12.46 34.57 -0.81
C PHE B 105 -13.91 34.20 -1.13
N LEU B 106 -14.25 32.89 -1.07
CA LEU B 106 -15.63 32.39 -1.29
C LEU B 106 -16.20 31.88 0.04
N PRO B 107 -17.01 32.73 0.73
CA PRO B 107 -17.51 32.35 2.07
C PRO B 107 -18.31 31.05 2.18
N SER B 108 -19.00 30.60 1.11
CA SER B 108 -19.78 29.36 1.18
C SER B 108 -18.91 28.08 1.24
N GLY B 109 -17.61 28.22 0.96
CA GLY B 109 -16.67 27.10 1.04
C GLY B 109 -16.83 26.05 -0.04
N SER B 110 -16.31 24.84 0.23
CA SER B 110 -16.35 23.78 -0.77
C SER B 110 -17.68 23.05 -0.80
N LEU B 111 -17.92 22.30 -1.89
CA LEU B 111 -19.12 21.47 -2.05
C LEU B 111 -19.16 20.37 -0.98
N LYS B 112 -17.98 19.94 -0.50
CA LYS B 112 -17.89 18.93 0.56
C LYS B 112 -18.64 19.35 1.85
N GLU B 113 -18.61 20.65 2.23
CA GLU B 113 -19.37 21.10 3.40
C GLU B 113 -20.69 21.66 3.01
N TYR B 114 -20.75 22.32 1.84
CA TYR B 114 -21.97 22.97 1.37
C TYR B 114 -23.12 22.02 1.01
N LEU B 115 -22.86 20.98 0.20
CA LEU B 115 -23.94 20.08 -0.23
C LEU B 115 -24.66 19.35 0.91
N PRO B 116 -23.96 18.75 1.92
CA PRO B 116 -24.70 18.09 2.99
C PRO B 116 -25.62 19.03 3.76
N LYS B 117 -25.25 20.33 3.81
CA LYS B 117 -26.00 21.39 4.52
C LYS B 117 -27.13 22.02 3.71
N ASN B 118 -27.11 21.89 2.37
CA ASN B 118 -28.07 22.59 1.52
C ASN B 118 -28.85 21.66 0.59
N LYS B 119 -28.94 20.33 0.91
CA LYS B 119 -29.69 19.32 0.16
C LYS B 119 -31.11 19.78 -0.23
N ASN B 120 -31.83 20.43 0.72
CA ASN B 120 -33.20 20.86 0.49
C ASN B 120 -33.38 21.88 -0.64
N LYS B 121 -32.38 22.76 -0.86
CA LYS B 121 -32.50 23.78 -1.90
C LYS B 121 -31.73 23.46 -3.18
N ILE B 122 -30.97 22.34 -3.16
CA ILE B 122 -30.17 21.92 -4.33
C ILE B 122 -30.80 20.65 -4.93
N ASN B 123 -31.60 20.80 -5.99
CA ASN B 123 -32.24 19.65 -6.65
C ASN B 123 -31.36 19.14 -7.82
N LEU B 124 -31.83 18.11 -8.55
CA LEU B 124 -31.09 17.52 -9.68
C LEU B 124 -30.71 18.55 -10.72
N LYS B 125 -31.67 19.41 -11.10
CA LYS B 125 -31.44 20.49 -12.04
C LYS B 125 -30.22 21.35 -11.61
N GLN B 126 -30.16 21.73 -10.30
CA GLN B 126 -29.02 22.51 -9.81
C GLN B 126 -27.72 21.69 -9.80
N GLN B 127 -27.82 20.39 -9.46
CA GLN B 127 -26.65 19.50 -9.47
C GLN B 127 -26.07 19.40 -10.89
N LEU B 128 -26.96 19.29 -11.91
CA LEU B 128 -26.53 19.22 -13.32
C LEU B 128 -25.90 20.52 -13.78
N LYS B 129 -26.44 21.66 -13.33
CA LYS B 129 -25.84 22.98 -13.65
C LYS B 129 -24.43 23.08 -13.02
N TYR B 130 -24.24 22.60 -11.78
CA TYR B 130 -22.89 22.61 -11.19
C TYR B 130 -21.98 21.72 -12.01
N ALA B 131 -22.47 20.53 -12.43
CA ALA B 131 -21.67 19.59 -13.25
C ALA B 131 -21.19 20.30 -14.53
N VAL B 132 -22.09 21.04 -15.22
CA VAL B 132 -21.77 21.82 -16.44
C VAL B 132 -20.65 22.83 -16.13
N GLN B 133 -20.81 23.57 -15.03
CA GLN B 133 -19.82 24.59 -14.63
C GLN B 133 -18.43 24.03 -14.38
N ILE B 134 -18.38 22.89 -13.66
CA ILE B 134 -17.12 22.20 -13.39
C ILE B 134 -16.50 21.79 -14.73
N CYS B 135 -17.29 21.19 -15.63
CA CYS B 135 -16.84 20.80 -16.97
C CYS B 135 -16.32 21.99 -17.78
N LYS B 136 -16.99 23.15 -17.67
CA LYS B 136 -16.58 24.35 -18.40
C LYS B 136 -15.22 24.85 -17.92
N GLY B 137 -15.04 24.91 -16.59
CA GLY B 137 -13.75 25.31 -16.02
C GLY B 137 -12.66 24.34 -16.41
N MET B 138 -12.94 23.03 -16.31
CA MET B 138 -11.99 21.98 -16.68
C MET B 138 -11.61 22.00 -18.18
N ASP B 139 -12.60 22.24 -19.06
CA ASP B 139 -12.37 22.32 -20.50
C ASP B 139 -11.44 23.50 -20.83
N TYR B 140 -11.63 24.63 -20.12
CA TYR B 140 -10.81 25.82 -20.26
C TYR B 140 -9.37 25.47 -19.86
N LEU B 141 -9.18 24.78 -18.70
CA LEU B 141 -7.86 24.34 -18.21
C LEU B 141 -7.16 23.42 -19.24
N GLY B 142 -7.91 22.46 -19.76
CA GLY B 142 -7.41 21.53 -20.77
C GLY B 142 -7.03 22.19 -22.08
N SER B 143 -7.80 23.24 -22.49
N SER B 143 -7.79 23.23 -22.49
CA SER B 143 -7.54 23.98 -23.74
CA SER B 143 -7.55 23.97 -23.73
C SER B 143 -6.23 24.78 -23.64
C SER B 143 -6.24 24.79 -23.64
N ARG B 144 -5.78 25.07 -22.40
CA ARG B 144 -4.52 25.80 -22.09
C ARG B 144 -3.38 24.78 -21.82
N GLN B 145 -3.63 23.48 -22.13
CA GLN B 145 -2.69 22.34 -22.05
C GLN B 145 -2.23 22.00 -20.62
N TYR B 146 -3.16 22.07 -19.65
CA TYR B 146 -2.91 21.69 -18.27
C TYR B 146 -3.73 20.48 -17.82
N VAL B 147 -3.15 19.68 -16.90
CA VAL B 147 -3.85 18.57 -16.20
C VAL B 147 -4.00 18.99 -14.73
N HIS B 148 -5.21 18.89 -14.18
CA HIS B 148 -5.49 19.29 -12.79
C HIS B 148 -4.91 18.33 -11.73
N ARG B 149 -5.18 17.02 -11.86
N ARG B 149 -5.20 17.02 -11.87
CA ARG B 149 -4.68 15.89 -11.04
CA ARG B 149 -4.76 15.85 -11.08
C ARG B 149 -5.26 15.81 -9.62
C ARG B 149 -5.40 15.70 -9.69
N ASP B 150 -6.27 16.63 -9.31
CA ASP B 150 -6.87 16.59 -7.97
C ASP B 150 -8.33 16.99 -8.02
N LEU B 151 -9.01 16.64 -9.13
CA LEU B 151 -10.42 16.99 -9.28
C LEU B 151 -11.31 16.11 -8.41
N ALA B 152 -11.94 16.75 -7.41
CA ALA B 152 -12.83 16.13 -6.41
C ALA B 152 -13.72 17.25 -5.87
N ALA B 153 -14.89 16.90 -5.32
CA ALA B 153 -15.86 17.87 -4.77
C ALA B 153 -15.19 18.79 -3.71
N ARG B 154 -14.22 18.25 -2.95
N ARG B 154 -14.20 18.24 -2.97
CA ARG B 154 -13.47 19.02 -1.93
CA ARG B 154 -13.44 18.98 -1.94
C ARG B 154 -12.75 20.23 -2.55
C ARG B 154 -12.71 20.19 -2.54
N ASN B 155 -12.39 20.15 -3.85
CA ASN B 155 -11.67 21.24 -4.57
C ASN B 155 -12.57 22.14 -5.42
N VAL B 156 -13.88 22.02 -5.22
CA VAL B 156 -14.87 22.81 -5.91
C VAL B 156 -15.49 23.74 -4.86
N LEU B 157 -15.36 25.05 -5.08
CA LEU B 157 -15.90 26.08 -4.19
C LEU B 157 -17.25 26.62 -4.68
N VAL B 158 -18.06 27.08 -3.72
CA VAL B 158 -19.38 27.63 -4.01
C VAL B 158 -19.31 29.16 -3.99
N GLU B 159 -19.56 29.79 -5.15
CA GLU B 159 -19.59 31.25 -5.31
C GLU B 159 -20.97 31.74 -4.82
N SER B 160 -22.01 30.97 -5.14
CA SER B 160 -23.42 31.22 -4.76
C SER B 160 -24.19 29.93 -5.01
N GLU B 161 -25.47 29.91 -4.63
CA GLU B 161 -26.32 28.75 -4.89
C GLU B 161 -26.33 28.37 -6.40
N HIS B 162 -26.06 29.34 -7.27
CA HIS B 162 -26.13 29.11 -8.71
C HIS B 162 -24.77 29.01 -9.40
N GLN B 163 -23.65 29.14 -8.67
CA GLN B 163 -22.34 29.12 -9.33
C GLN B 163 -21.25 28.48 -8.46
N VAL B 164 -20.46 27.59 -9.07
CA VAL B 164 -19.32 26.94 -8.42
C VAL B 164 -18.06 27.28 -9.21
N LYS B 165 -16.89 27.13 -8.57
CA LYS B 165 -15.61 27.40 -9.24
C LYS B 165 -14.61 26.38 -8.76
N ILE B 166 -13.70 25.92 -9.65
N ILE B 166 -13.67 25.98 -9.65
CA ILE B 166 -12.60 25.05 -9.22
CA ILE B 166 -12.54 25.10 -9.27
C ILE B 166 -11.71 25.97 -8.36
C ILE B 166 -11.68 26.00 -8.35
N GLY B 167 -11.48 25.54 -7.12
CA GLY B 167 -10.84 26.37 -6.10
C GLY B 167 -9.39 26.17 -5.74
N ASP B 168 -8.76 25.15 -6.30
CA ASP B 168 -7.38 24.87 -5.98
C ASP B 168 -6.68 24.26 -7.17
N PHE B 169 -5.39 24.64 -7.39
CA PHE B 169 -4.58 24.20 -8.53
C PHE B 169 -3.20 23.72 -8.03
N GLY B 170 -3.14 23.29 -6.77
CA GLY B 170 -1.90 22.88 -6.12
C GLY B 170 -1.11 21.77 -6.78
N LEU B 171 -1.80 20.87 -7.49
CA LEU B 171 -1.16 19.75 -8.20
C LEU B 171 -1.20 19.92 -9.74
N THR B 172 -1.75 21.05 -10.25
CA THR B 172 -1.87 21.29 -11.70
C THR B 172 -0.48 21.31 -12.40
N LYS B 173 -0.38 20.56 -13.50
CA LYS B 173 0.85 20.41 -14.29
C LYS B 173 0.60 20.67 -15.77
N ALA B 174 1.60 21.23 -16.46
CA ALA B 174 1.50 21.48 -17.89
C ALA B 174 1.76 20.18 -18.63
N ILE B 175 1.10 20.01 -19.80
CA ILE B 175 1.37 18.94 -20.75
C ILE B 175 2.27 19.61 -21.83
N GLU B 176 3.28 18.89 -22.34
CA GLU B 176 4.15 19.36 -23.43
C GLU B 176 3.38 19.57 -24.76
N LYS B 179 3.20 16.29 -26.75
CA LYS B 179 2.82 15.18 -25.90
C LYS B 179 1.36 15.26 -25.43
N GLU B 180 0.80 14.11 -24.99
CA GLU B 180 -0.59 13.94 -24.55
C GLU B 180 -0.78 13.78 -23.03
N THR B 183 4.04 12.85 -16.80
CA THR B 183 4.57 11.71 -16.08
C THR B 183 4.75 12.08 -14.60
N VAL B 184 4.08 11.34 -13.69
CA VAL B 184 4.13 11.55 -12.23
C VAL B 184 5.33 10.83 -11.59
N LYS B 185 6.08 11.56 -10.74
CA LYS B 185 7.23 11.00 -10.02
C LYS B 185 6.96 10.93 -8.51
N ASP B 186 6.32 11.96 -7.97
CA ASP B 186 5.94 12.04 -6.56
C ASP B 186 4.42 11.72 -6.50
N ASP B 187 4.08 10.47 -6.15
CA ASP B 187 2.70 9.96 -6.11
C ASP B 187 2.23 9.45 -4.73
N ARG B 188 3.07 9.61 -3.68
CA ARG B 188 2.84 9.12 -2.28
C ARG B 188 1.50 9.57 -1.67
N ASP B 189 1.05 10.79 -1.99
CA ASP B 189 -0.21 11.31 -1.46
C ASP B 189 -1.34 11.39 -2.50
N SER B 190 -1.32 10.49 -3.51
CA SER B 190 -2.33 10.47 -4.57
C SER B 190 -3.75 10.14 -4.09
N PRO B 191 -4.78 10.85 -4.58
CA PRO B 191 -6.17 10.50 -4.20
C PRO B 191 -6.62 9.34 -5.09
N VAL B 192 -6.09 8.14 -4.82
CA VAL B 192 -6.25 6.95 -5.63
C VAL B 192 -7.71 6.59 -5.98
N PHE B 193 -8.69 6.90 -5.11
CA PHE B 193 -10.09 6.58 -5.41
C PHE B 193 -10.75 7.54 -6.43
N TRP B 194 -10.01 8.55 -6.90
CA TRP B 194 -10.45 9.50 -7.92
C TRP B 194 -9.63 9.32 -9.19
N TYR B 195 -8.66 8.37 -9.20
CA TYR B 195 -7.70 8.21 -10.28
C TYR B 195 -8.00 7.15 -11.34
N ALA B 196 -7.79 7.51 -12.61
CA ALA B 196 -7.97 6.60 -13.74
C ALA B 196 -6.93 5.45 -13.70
N PRO B 197 -7.22 4.29 -14.31
CA PRO B 197 -6.27 3.17 -14.25
C PRO B 197 -4.86 3.48 -14.73
N GLU B 198 -4.70 4.31 -15.79
CA GLU B 198 -3.36 4.64 -16.32
C GLU B 198 -2.52 5.45 -15.32
N CYS B 199 -3.15 6.25 -14.41
CA CYS B 199 -2.47 7.00 -13.35
C CYS B 199 -2.03 6.01 -12.29
N LEU B 200 -2.90 5.05 -11.95
CA LEU B 200 -2.59 4.02 -10.95
C LEU B 200 -1.53 3.03 -11.43
N MET B 201 -1.57 2.64 -12.73
CA MET B 201 -0.68 1.65 -13.34
C MET B 201 0.62 2.21 -13.94
N GLN B 202 0.54 3.26 -14.78
CA GLN B 202 1.68 3.80 -15.53
C GLN B 202 2.17 5.18 -15.08
N SER B 203 1.56 5.77 -14.03
CA SER B 203 1.87 7.12 -13.52
C SER B 203 1.77 8.20 -14.63
N LYS B 204 0.92 7.95 -15.65
CA LYS B 204 0.66 8.88 -16.77
C LYS B 204 -0.64 9.62 -16.53
N PHE B 205 -0.61 10.95 -16.67
CA PHE B 205 -1.76 11.84 -16.46
C PHE B 205 -2.15 12.62 -17.72
N TYR B 206 -3.30 12.24 -18.32
CA TYR B 206 -3.87 12.81 -19.54
C TYR B 206 -5.02 13.71 -19.18
N ILE B 207 -5.49 14.55 -20.14
CA ILE B 207 -6.73 15.35 -19.96
C ILE B 207 -7.89 14.35 -19.69
N ALA B 208 -7.85 13.16 -20.34
CA ALA B 208 -8.84 12.09 -20.17
C ALA B 208 -8.82 11.51 -18.75
N SER B 209 -7.67 11.57 -18.06
CA SER B 209 -7.52 11.15 -16.66
C SER B 209 -8.29 12.14 -15.76
N ASP B 210 -8.32 13.46 -16.13
CA ASP B 210 -9.12 14.47 -15.42
C ASP B 210 -10.61 14.20 -15.67
N VAL B 211 -10.96 13.71 -16.88
CA VAL B 211 -12.37 13.35 -17.20
C VAL B 211 -12.80 12.22 -16.26
N TRP B 212 -11.89 11.22 -16.01
CA TRP B 212 -12.19 10.12 -15.08
C TRP B 212 -12.51 10.68 -13.68
N SER B 213 -11.65 11.58 -13.19
N SER B 213 -11.65 11.58 -13.17
CA SER B 213 -11.80 12.26 -11.89
CA SER B 213 -11.83 12.23 -11.87
C SER B 213 -13.11 13.03 -11.83
C SER B 213 -13.12 13.04 -11.82
N PHE B 214 -13.51 13.64 -12.96
CA PHE B 214 -14.79 14.39 -13.06
C PHE B 214 -15.96 13.43 -12.81
N GLY B 215 -15.93 12.25 -13.41
CA GLY B 215 -16.99 11.26 -13.21
C GLY B 215 -17.18 10.91 -11.75
N VAL B 216 -16.07 10.72 -11.02
CA VAL B 216 -16.07 10.47 -9.58
C VAL B 216 -16.63 11.72 -8.82
N THR B 217 -16.21 12.94 -9.21
CA THR B 217 -16.71 14.22 -8.64
C THR B 217 -18.24 14.34 -8.85
N LEU B 218 -18.72 13.93 -10.04
CA LEU B 218 -20.14 13.92 -10.41
C LEU B 218 -20.90 12.98 -9.46
N HIS B 219 -20.28 11.82 -9.14
CA HIS B 219 -20.90 10.85 -8.23
C HIS B 219 -21.07 11.52 -6.85
N GLU B 220 -20.00 12.20 -6.35
CA GLU B 220 -20.02 12.94 -5.08
C GLU B 220 -21.13 14.01 -5.08
N LEU B 221 -21.25 14.80 -6.16
N LEU B 221 -21.24 14.80 -6.14
CA LEU B 221 -22.29 15.83 -6.31
CA LEU B 221 -22.25 15.82 -6.30
C LEU B 221 -23.66 15.19 -6.13
C LEU B 221 -23.65 15.20 -6.16
N LEU B 222 -23.89 14.06 -6.85
CA LEU B 222 -25.16 13.36 -6.82
C LEU B 222 -25.49 12.72 -5.48
N THR B 223 -24.48 12.44 -4.65
CA THR B 223 -24.66 11.90 -3.32
C THR B 223 -24.59 13.02 -2.24
N TYR B 224 -24.58 14.29 -2.68
CA TYR B 224 -24.48 15.46 -1.77
C TYR B 224 -23.28 15.36 -0.83
N CYS B 225 -22.15 14.79 -1.34
CA CYS B 225 -20.92 14.59 -0.57
C CYS B 225 -21.14 13.89 0.77
N ASP B 226 -22.09 12.94 0.82
CA ASP B 226 -22.31 12.20 2.06
C ASP B 226 -21.09 11.33 2.31
N SER B 227 -20.52 11.44 3.50
CA SER B 227 -19.31 10.69 3.91
C SER B 227 -19.43 9.16 3.80
N ASP B 228 -20.63 8.62 4.07
CA ASP B 228 -20.88 7.18 4.02
C ASP B 228 -21.05 6.63 2.58
N SER B 229 -21.25 7.54 1.62
CA SER B 229 -21.42 7.22 0.20
C SER B 229 -20.22 7.73 -0.62
N SER B 230 -19.16 8.19 0.07
CA SER B 230 -17.95 8.72 -0.58
C SER B 230 -17.27 7.71 -1.50
N PRO B 231 -16.57 8.16 -2.56
CA PRO B 231 -15.85 7.23 -3.45
C PRO B 231 -14.91 6.29 -2.71
N MET B 232 -14.24 6.78 -1.63
CA MET B 232 -13.36 5.98 -0.79
C MET B 232 -14.18 4.87 -0.07
N ALA B 233 -15.28 5.25 0.61
CA ALA B 233 -16.13 4.30 1.34
C ALA B 233 -16.69 3.21 0.41
N LEU B 234 -17.18 3.61 -0.78
CA LEU B 234 -17.77 2.67 -1.74
C LEU B 234 -16.78 1.70 -2.36
N PHE B 235 -15.60 2.18 -2.78
CA PHE B 235 -14.57 1.32 -3.37
C PHE B 235 -14.00 0.38 -2.31
N LEU B 236 -13.80 0.86 -1.07
CA LEU B 236 -13.30 0.02 0.03
C LEU B 236 -14.30 -1.09 0.38
N LYS B 237 -15.61 -0.83 0.17
CA LYS B 237 -16.61 -1.87 0.40
C LYS B 237 -16.50 -2.91 -0.73
N MET B 238 -16.27 -2.45 -1.98
CA MET B 238 -16.14 -3.27 -3.19
C MET B 238 -14.93 -4.23 -3.18
N ILE B 239 -13.73 -3.70 -2.84
CA ILE B 239 -12.44 -4.42 -2.90
C ILE B 239 -11.97 -5.03 -1.57
N GLY B 240 -12.48 -4.51 -0.46
CA GLY B 240 -12.09 -4.94 0.88
C GLY B 240 -11.65 -3.71 1.65
N PRO B 241 -12.01 -3.59 2.95
CA PRO B 241 -11.67 -2.36 3.70
C PRO B 241 -10.18 -2.10 3.89
N THR B 242 -9.68 -2.21 5.13
CA THR B 242 -8.27 -2.01 5.42
C THR B 242 -7.47 -3.22 4.90
N HIS B 243 -6.53 -2.97 3.97
CA HIS B 243 -5.65 -3.97 3.35
C HIS B 243 -4.22 -3.44 3.14
N GLY B 244 -4.02 -2.19 3.56
CA GLY B 244 -2.75 -1.49 3.55
C GLY B 244 -2.19 -1.14 2.19
N GLN B 245 -0.92 -1.51 1.95
CA GLN B 245 -0.18 -1.26 0.72
C GLN B 245 -0.67 -2.06 -0.51
N MET B 246 -1.58 -3.04 -0.31
N MET B 246 -1.58 -3.05 -0.30
CA MET B 246 -2.16 -3.84 -1.38
CA MET B 246 -2.16 -3.86 -1.39
C MET B 246 -3.45 -3.27 -1.97
C MET B 246 -3.45 -3.27 -1.97
N THR B 247 -3.99 -2.19 -1.34
CA THR B 247 -5.24 -1.53 -1.75
C THR B 247 -5.28 -1.10 -3.24
N VAL B 248 -4.26 -0.38 -3.74
CA VAL B 248 -4.20 0.12 -5.12
C VAL B 248 -4.23 -1.03 -6.15
N THR B 249 -3.45 -2.11 -5.93
CA THR B 249 -3.44 -3.27 -6.82
C THR B 249 -4.82 -3.93 -6.90
N ARG B 250 -5.51 -4.03 -5.75
CA ARG B 250 -6.90 -4.52 -5.62
C ARG B 250 -7.87 -3.65 -6.41
N LEU B 251 -7.67 -2.32 -6.37
CA LEU B 251 -8.48 -1.30 -7.04
C LEU B 251 -8.30 -1.40 -8.56
N VAL B 252 -7.04 -1.53 -9.04
CA VAL B 252 -6.68 -1.69 -10.46
C VAL B 252 -7.38 -2.93 -11.07
N ASN B 253 -7.30 -4.06 -10.38
CA ASN B 253 -7.90 -5.31 -10.86
C ASN B 253 -9.42 -5.20 -10.99
N THR B 254 -10.04 -4.47 -10.06
CA THR B 254 -11.49 -4.20 -10.00
C THR B 254 -11.94 -3.38 -11.22
N LEU B 255 -11.13 -2.39 -11.61
CA LEU B 255 -11.41 -1.54 -12.77
C LEU B 255 -11.21 -2.30 -14.07
N LYS B 256 -10.12 -3.13 -14.16
CA LYS B 256 -9.82 -3.97 -15.33
C LYS B 256 -11.00 -4.84 -15.75
N GLU B 257 -11.66 -5.50 -14.78
CA GLU B 257 -12.80 -6.38 -15.06
C GLU B 257 -14.11 -5.60 -15.42
N GLY B 258 -14.10 -4.27 -15.25
CA GLY B 258 -15.23 -3.42 -15.61
C GLY B 258 -16.11 -2.92 -14.48
N LYS B 259 -15.73 -3.21 -13.23
CA LYS B 259 -16.46 -2.76 -12.04
C LYS B 259 -16.27 -1.25 -11.84
N ARG B 260 -17.40 -0.51 -11.72
CA ARG B 260 -17.46 0.94 -11.53
C ARG B 260 -18.35 1.26 -10.34
N LEU B 261 -18.28 2.51 -9.82
CA LEU B 261 -19.08 3.00 -8.69
C LEU B 261 -20.56 2.88 -9.04
N PRO B 262 -21.46 2.54 -8.07
CA PRO B 262 -22.87 2.32 -8.44
C PRO B 262 -23.63 3.59 -8.73
N CYS B 263 -24.81 3.46 -9.35
CA CYS B 263 -25.65 4.63 -9.64
C CYS B 263 -26.13 5.22 -8.32
N PRO B 264 -25.92 6.54 -8.07
CA PRO B 264 -26.38 7.12 -6.80
C PRO B 264 -27.89 7.01 -6.61
N PRO B 265 -28.38 6.97 -5.35
CA PRO B 265 -29.84 6.92 -5.13
C PRO B 265 -30.51 8.14 -5.75
N ASN B 266 -31.63 7.88 -6.47
CA ASN B 266 -32.44 8.90 -7.15
C ASN B 266 -31.72 9.55 -8.35
N CYS B 267 -30.56 9.01 -8.76
CA CYS B 267 -29.89 9.52 -9.95
C CYS B 267 -30.51 8.86 -11.17
N PRO B 268 -31.08 9.60 -12.15
CA PRO B 268 -31.69 8.93 -13.31
C PRO B 268 -30.64 8.23 -14.18
N ASP B 269 -31.03 7.12 -14.84
CA ASP B 269 -30.10 6.34 -15.66
C ASP B 269 -29.38 7.18 -16.73
N GLU B 270 -30.05 8.14 -17.39
CA GLU B 270 -29.46 9.02 -18.40
C GLU B 270 -28.27 9.82 -17.84
N VAL B 271 -28.34 10.21 -16.54
CA VAL B 271 -27.23 10.94 -15.87
C VAL B 271 -26.11 9.93 -15.58
N TYR B 272 -26.47 8.73 -15.09
CA TYR B 272 -25.53 7.64 -14.80
C TYR B 272 -24.75 7.21 -16.06
N GLN B 273 -25.41 7.17 -17.25
CA GLN B 273 -24.72 6.81 -18.49
C GLN B 273 -23.65 7.84 -18.90
N LEU B 274 -23.90 9.13 -18.62
CA LEU B 274 -22.92 10.20 -18.88
C LEU B 274 -21.71 10.02 -17.94
N MET B 275 -21.97 9.63 -16.68
CA MET B 275 -20.96 9.35 -15.65
C MET B 275 -20.11 8.14 -16.09
N ARG B 276 -20.76 7.07 -16.58
CA ARG B 276 -20.08 5.87 -17.05
C ARG B 276 -19.14 6.11 -18.24
N LYS B 277 -19.44 7.12 -19.08
CA LYS B 277 -18.61 7.51 -20.23
C LYS B 277 -17.26 8.15 -19.82
N CYS B 278 -17.18 8.66 -18.55
CA CYS B 278 -15.96 9.22 -17.93
C CYS B 278 -15.05 8.06 -17.50
N TRP B 279 -15.63 6.86 -17.35
CA TRP B 279 -14.96 5.71 -16.80
C TRP B 279 -14.63 4.59 -17.81
N GLU B 280 -14.47 4.92 -19.12
CA GLU B 280 -14.03 3.94 -20.14
C GLU B 280 -12.58 3.61 -19.76
N PHE B 281 -12.17 2.31 -19.80
CA PHE B 281 -10.82 1.93 -19.38
C PHE B 281 -9.72 2.68 -20.14
N GLN B 282 -9.80 2.74 -21.49
CA GLN B 282 -8.83 3.43 -22.34
C GLN B 282 -9.15 4.92 -22.37
N PRO B 283 -8.13 5.80 -22.13
CA PRO B 283 -8.38 7.26 -22.16
C PRO B 283 -8.95 7.80 -23.47
N SER B 284 -8.48 7.27 -24.62
CA SER B 284 -8.92 7.64 -25.98
C SER B 284 -10.43 7.41 -26.22
N ASN B 285 -11.01 6.41 -25.53
CA ASN B 285 -12.43 6.03 -25.59
C ASN B 285 -13.36 6.86 -24.71
N ARG B 286 -12.82 7.53 -23.67
CA ARG B 286 -13.58 8.36 -22.73
C ARG B 286 -14.18 9.57 -23.40
N THR B 287 -15.31 10.06 -22.84
CA THR B 287 -15.99 11.27 -23.29
C THR B 287 -15.09 12.49 -23.07
N SER B 288 -15.35 13.56 -23.82
CA SER B 288 -14.60 14.82 -23.62
C SER B 288 -15.44 15.68 -22.69
N PHE B 289 -14.88 16.79 -22.19
CA PHE B 289 -15.63 17.71 -21.37
C PHE B 289 -16.72 18.40 -22.22
N GLN B 290 -16.43 18.77 -23.49
CA GLN B 290 -17.44 19.38 -24.37
C GLN B 290 -18.65 18.46 -24.59
N ASN B 291 -18.42 17.14 -24.76
CA ASN B 291 -19.49 16.16 -24.95
C ASN B 291 -20.35 16.09 -23.67
N LEU B 292 -19.70 16.13 -22.50
CA LEU B 292 -20.37 16.13 -21.20
C LEU B 292 -21.24 17.37 -21.08
N ILE B 293 -20.68 18.55 -21.46
CA ILE B 293 -21.41 19.82 -21.44
C ILE B 293 -22.67 19.70 -22.32
N GLU B 294 -22.55 19.15 -23.54
CA GLU B 294 -23.70 19.00 -24.42
C GLU B 294 -24.71 17.97 -23.89
N GLY B 295 -24.21 16.90 -23.28
CA GLY B 295 -25.06 15.87 -22.67
C GLY B 295 -25.92 16.40 -21.53
N PHE B 296 -25.30 17.18 -20.62
CA PHE B 296 -26.01 17.79 -19.48
C PHE B 296 -26.98 18.86 -19.93
N GLU B 297 -26.56 19.73 -20.88
CA GLU B 297 -27.41 20.79 -21.45
C GLU B 297 -28.66 20.23 -22.10
N ALA B 298 -28.56 19.03 -22.72
CA ALA B 298 -29.69 18.33 -23.34
C ALA B 298 -30.67 17.81 -22.30
N LEU B 299 -30.16 17.41 -21.11
CA LEU B 299 -31.00 16.93 -20.00
C LEU B 299 -31.66 18.10 -19.28
N LEU B 300 -31.02 19.28 -19.31
CA LEU B 300 -31.51 20.51 -18.69
C LEU B 300 -32.63 21.18 -19.49
N LYS B 301 -32.90 20.68 -20.73
CA LYS B 301 -33.93 21.07 -21.71
C LYS B 301 -33.60 22.39 -22.41
#